data_3VVU
#
_entry.id   3VVU
#
_cell.length_a   109.349
_cell.length_b   109.349
_cell.length_c   109.349
_cell.angle_alpha   90.00
_cell.angle_beta   90.00
_cell.angle_gamma   90.00
#
_symmetry.space_group_name_H-M   'P 21 3'
#
loop_
_entity.id
_entity.type
_entity.pdbx_description
1 polymer 'Nucleoside diphosphate kinase'
2 water water
#
_entity_poly.entity_id   1
_entity_poly.type   'polypeptide(L)'
_entity_poly.pdbx_seq_one_letter_code
;MERTFVMIKPDGVQRGLIGEIISRFERKGFKIVAMKLMRISQELAEKHYAEHREKPFFSGLVDFITSGPVVAMVLEGKNV
VEVVRKMIGATNPKEAAPGTIRGDFGMSVGKNVIHGSDSLESAEREISLFFKDEELVEW
;
_entity_poly.pdbx_strand_id   A,B
#
# COMPACT_ATOMS: atom_id res chain seq x y z
N MET A 1 21.85 0.32 -3.11
CA MET A 1 20.98 1.04 -4.11
C MET A 1 20.06 2.05 -3.42
N GLU A 2 19.91 3.24 -4.04
CA GLU A 2 19.29 4.38 -3.39
C GLU A 2 17.83 4.12 -2.97
N ARG A 3 17.46 4.63 -1.80
CA ARG A 3 16.10 4.50 -1.22
C ARG A 3 15.59 5.82 -0.68
N THR A 4 14.27 6.04 -0.66
CA THR A 4 13.73 7.24 -0.08
C THR A 4 12.51 6.88 0.74
N PHE A 5 12.11 7.75 1.66
CA PHE A 5 10.91 7.53 2.46
C PHE A 5 9.80 8.40 1.91
N VAL A 6 8.61 7.82 1.79
CA VAL A 6 7.43 8.58 1.40
C VAL A 6 6.30 8.37 2.44
N MET A 7 5.58 9.44 2.76
CA MET A 7 4.42 9.25 3.62
C MET A 7 3.23 9.80 2.89
N ILE A 8 2.24 8.96 2.64
CA ILE A 8 0.98 9.49 2.20
C ILE A 8 0.25 10.03 3.44
N LYS A 9 0.00 11.33 3.49
CA LYS A 9 -0.48 11.97 4.72
C LYS A 9 -1.95 11.68 4.95
N PRO A 10 -2.50 12.01 6.12
CA PRO A 10 -3.92 11.66 6.37
C PRO A 10 -4.94 12.22 5.39
N ASP A 11 -4.70 13.41 4.83
CA ASP A 11 -5.60 13.98 3.81
C ASP A 11 -5.53 13.13 2.52
N GLY A 12 -4.34 12.65 2.14
CA GLY A 12 -4.20 11.80 0.94
C GLY A 12 -4.93 10.51 1.16
N VAL A 13 -4.84 9.99 2.38
CA VAL A 13 -5.46 8.70 2.69
C VAL A 13 -6.98 8.90 2.72
N GLN A 14 -7.40 9.96 3.38
CA GLN A 14 -8.83 10.16 3.60
C GLN A 14 -9.56 10.50 2.25
N ARG A 15 -8.86 11.18 1.36
CA ARG A 15 -9.47 11.51 0.09
C ARG A 15 -9.39 10.36 -0.98
N GLY A 16 -8.90 9.17 -0.62
CA GLY A 16 -8.83 8.04 -1.57
C GLY A 16 -7.80 8.20 -2.68
N LEU A 17 -6.65 8.79 -2.34
CA LEU A 17 -5.55 9.03 -3.28
C LEU A 17 -4.36 8.07 -3.22
N ILE A 18 -4.52 7.01 -2.42
CA ILE A 18 -3.42 6.06 -2.25
C ILE A 18 -3.07 5.34 -3.52
N GLY A 19 -4.05 4.81 -4.25
CA GLY A 19 -3.72 4.10 -5.49
C GLY A 19 -3.04 5.01 -6.52
N GLU A 20 -3.63 6.17 -6.73
CA GLU A 20 -3.12 7.18 -7.67
C GLU A 20 -1.66 7.52 -7.40
N ILE A 21 -1.31 7.74 -6.14
CA ILE A 21 0.05 8.06 -5.80
C ILE A 21 0.97 6.87 -6.11
N ILE A 22 0.56 5.69 -5.70
CA ILE A 22 1.42 4.53 -5.91
C ILE A 22 1.65 4.27 -7.41
N SER A 23 0.57 4.32 -8.21
CA SER A 23 0.64 4.20 -9.69
C SER A 23 1.68 5.13 -10.31
N ARG A 24 1.73 6.39 -9.86
CA ARG A 24 2.75 7.34 -10.36
C ARG A 24 4.16 6.84 -10.13
N PHE A 25 4.41 6.29 -8.94
CA PHE A 25 5.73 5.68 -8.65
C PHE A 25 5.98 4.37 -9.36
N GLU A 26 4.96 3.53 -9.50
CA GLU A 26 5.16 2.29 -10.26
C GLU A 26 5.35 2.58 -11.78
N ARG A 27 4.59 3.52 -12.35
CA ARG A 27 4.74 3.88 -13.76
C ARG A 27 6.14 4.42 -13.99
N LYS A 28 6.69 5.09 -12.98
CA LYS A 28 7.98 5.65 -13.16
C LYS A 28 9.07 4.56 -13.01
N GLY A 29 8.72 3.36 -12.55
CA GLY A 29 9.68 2.27 -12.59
C GLY A 29 10.35 2.03 -11.24
N PHE A 30 9.93 2.72 -10.17
CA PHE A 30 10.46 2.46 -8.84
C PHE A 30 9.91 1.21 -8.14
N LYS A 31 10.72 0.65 -7.25
CA LYS A 31 10.25 -0.47 -6.40
C LYS A 31 9.85 -0.09 -5.00
N ILE A 32 8.63 -0.49 -4.64
CA ILE A 32 8.21 -0.38 -3.24
C ILE A 32 8.93 -1.48 -2.52
N VAL A 33 9.80 -1.16 -1.57
CA VAL A 33 10.48 -2.25 -0.79
C VAL A 33 10.08 -2.27 0.66
N ALA A 34 9.22 -1.33 1.06
CA ALA A 34 8.50 -1.48 2.31
C ALA A 34 7.26 -0.61 2.25
N MET A 35 6.18 -1.06 2.86
CA MET A 35 4.98 -0.23 2.88
C MET A 35 4.06 -0.66 4.00
N LYS A 36 3.48 0.32 4.74
CA LYS A 36 2.39 -0.02 5.67
C LYS A 36 1.46 1.17 5.96
N LEU A 37 0.17 0.82 6.08
CA LEU A 37 -0.86 1.64 6.67
C LEU A 37 -0.63 1.62 8.19
N MET A 38 -0.62 2.81 8.81
CA MET A 38 -0.37 2.92 10.29
C MET A 38 -0.94 4.26 10.79
N ARG A 39 -0.89 4.44 12.10
CA ARG A 39 -1.32 5.64 12.78
C ARG A 39 -0.07 6.09 13.48
N ILE A 40 0.26 7.37 13.38
CA ILE A 40 1.50 7.86 13.90
C ILE A 40 1.31 8.38 15.35
N SER A 41 2.09 7.84 16.30
CA SER A 41 2.00 8.32 17.68
C SER A 41 2.56 9.76 17.76
N GLN A 42 2.13 10.41 18.84
CA GLN A 42 2.61 11.72 19.25
C GLN A 42 4.17 11.81 19.21
N GLU A 43 4.83 10.90 19.93
CA GLU A 43 6.29 10.79 20.04
C GLU A 43 6.93 10.71 18.65
N LEU A 44 6.46 9.75 17.84
CA LEU A 44 7.00 9.52 16.52
C LEU A 44 6.84 10.75 15.62
N ALA A 45 5.66 11.34 15.66
CA ALA A 45 5.45 12.57 14.93
C ALA A 45 6.46 13.69 15.30
N GLU A 46 6.69 13.87 16.57
CA GLU A 46 7.60 14.91 17.07
C GLU A 46 9.01 14.63 16.65
N LYS A 47 9.42 13.35 16.75
CA LYS A 47 10.72 12.91 16.26
C LYS A 47 10.84 13.14 14.73
N HIS A 48 9.86 12.66 13.99
CA HIS A 48 9.85 12.90 12.57
C HIS A 48 10.03 14.38 12.19
N TYR A 49 9.30 15.24 12.88
CA TYR A 49 9.32 16.67 12.54
C TYR A 49 10.27 17.50 13.48
N ALA A 50 11.30 16.85 14.08
CA ALA A 50 12.20 17.49 15.07
C ALA A 50 12.86 18.82 14.64
N GLU A 51 13.27 18.90 13.39
CA GLU A 51 13.91 20.11 12.89
C GLU A 51 12.92 21.32 12.82
N HIS A 52 11.61 21.05 12.92
CA HIS A 52 10.60 22.09 12.86
C HIS A 52 10.15 22.55 14.26
N ARG A 53 10.73 21.97 15.31
CA ARG A 53 10.18 22.18 16.62
C ARG A 53 10.25 23.64 17.13
N GLU A 54 11.14 24.48 16.59
CA GLU A 54 11.17 25.89 17.02
C GLU A 54 10.52 26.87 15.99
N LYS A 55 9.84 26.27 15.03
CA LYS A 55 9.20 27.02 13.99
C LYS A 55 7.71 27.30 14.34
N PRO A 56 7.11 28.27 13.66
CA PRO A 56 5.70 28.61 13.94
C PRO A 56 4.78 27.43 13.73
N PHE A 57 3.80 27.28 14.61
CA PHE A 57 2.74 26.24 14.51
C PHE A 57 3.21 24.82 14.41
N PHE A 58 4.28 24.52 15.14
CA PHE A 58 4.84 23.14 15.18
C PHE A 58 3.76 22.14 15.56
N SER A 59 3.01 22.47 16.58
CA SER A 59 2.06 21.53 17.09
C SER A 59 0.84 21.30 16.14
N GLY A 60 0.46 22.30 15.35
CA GLY A 60 -0.56 22.11 14.30
C GLY A 60 -0.03 21.15 13.18
N LEU A 61 1.30 21.15 12.99
CA LEU A 61 2.00 20.32 12.04
C LEU A 61 1.98 18.86 12.53
N VAL A 62 2.27 18.68 13.82
CA VAL A 62 2.20 17.42 14.51
C VAL A 62 0.76 16.89 14.61
N ASP A 63 -0.13 17.67 15.22
CA ASP A 63 -1.59 17.35 15.29
C ASP A 63 -2.17 16.77 14.03
N PHE A 64 -1.69 17.28 12.93
CA PHE A 64 -2.24 16.90 11.70
C PHE A 64 -1.70 15.54 11.18
N ILE A 65 -0.45 15.21 11.48
CA ILE A 65 0.08 14.00 10.91
C ILE A 65 -0.37 12.80 11.78
N THR A 66 -0.87 13.11 12.99
CA THR A 66 -1.47 12.15 13.90
C THR A 66 -3.00 12.09 13.79
N SER A 67 -3.63 12.77 12.81
CA SER A 67 -5.09 12.95 12.86
C SER A 67 -5.79 11.85 12.10
N GLY A 68 -5.00 10.90 11.58
CA GLY A 68 -5.54 9.85 10.75
C GLY A 68 -4.47 8.88 10.26
N PRO A 69 -4.89 7.74 9.69
CA PRO A 69 -3.97 6.76 9.11
C PRO A 69 -3.13 7.41 7.97
N VAL A 70 -1.85 7.04 7.89
CA VAL A 70 -0.99 7.43 6.79
C VAL A 70 -0.50 6.12 6.15
N VAL A 71 0.04 6.20 4.95
CA VAL A 71 0.81 5.08 4.40
C VAL A 71 2.27 5.47 4.43
N ALA A 72 3.08 4.71 5.18
CA ALA A 72 4.55 4.87 5.25
C ALA A 72 5.12 3.87 4.24
N MET A 73 6.11 4.31 3.47
CA MET A 73 6.63 3.49 2.43
C MET A 73 8.07 3.87 2.06
N VAL A 74 8.84 2.88 1.56
CA VAL A 74 10.21 3.09 1.14
C VAL A 74 10.28 2.68 -0.31
N LEU A 75 10.81 3.56 -1.14
CA LEU A 75 10.90 3.34 -2.58
C LEU A 75 12.38 3.15 -2.94
N GLU A 76 12.66 2.27 -3.88
CA GLU A 76 14.03 2.09 -4.30
C GLU A 76 14.24 2.29 -5.81
N GLY A 77 15.32 2.90 -6.26
CA GLY A 77 15.58 2.98 -7.70
C GLY A 77 16.63 4.08 -7.86
N LYS A 78 17.11 4.28 -9.08
CA LYS A 78 18.15 5.29 -9.25
C LYS A 78 17.60 6.73 -9.09
N ASN A 79 18.33 7.56 -8.35
CA ASN A 79 17.97 8.98 -8.14
C ASN A 79 16.64 9.14 -7.51
N VAL A 80 16.16 8.05 -6.92
CA VAL A 80 14.90 8.02 -6.23
C VAL A 80 14.63 9.21 -5.28
N VAL A 81 15.59 9.59 -4.46
CA VAL A 81 15.32 10.70 -3.51
C VAL A 81 14.93 11.96 -4.31
N GLU A 82 15.76 12.28 -5.30
CA GLU A 82 15.61 13.51 -6.03
C GLU A 82 14.42 13.44 -7.01
N VAL A 83 14.27 12.30 -7.69
CA VAL A 83 13.23 12.16 -8.63
C VAL A 83 11.86 12.18 -7.91
N VAL A 84 11.73 11.52 -6.75
CA VAL A 84 10.51 11.56 -5.98
C VAL A 84 10.15 12.99 -5.49
N ARG A 85 11.18 13.77 -5.13
CA ARG A 85 10.99 15.14 -4.72
C ARG A 85 10.38 15.96 -5.86
N LYS A 86 10.89 15.77 -7.07
CA LYS A 86 10.38 16.52 -8.22
C LYS A 86 8.97 16.01 -8.58
N MET A 87 8.68 14.69 -8.43
CA MET A 87 7.34 14.15 -8.76
C MET A 87 6.30 14.65 -7.77
N ILE A 88 6.74 14.84 -6.52
CA ILE A 88 5.85 15.32 -5.50
C ILE A 88 5.62 16.80 -5.68
N GLY A 89 6.69 17.53 -6.03
CA GLY A 89 6.64 18.95 -6.32
C GLY A 89 6.77 19.82 -5.09
N ALA A 90 6.69 21.12 -5.32
CA ALA A 90 6.97 22.15 -4.27
C ALA A 90 6.02 21.97 -3.06
N THR A 91 6.51 22.28 -1.85
CA THR A 91 5.73 22.13 -0.64
C THR A 91 4.40 22.83 -0.78
N ASN A 92 4.42 24.01 -1.39
CA ASN A 92 3.20 24.75 -1.59
C ASN A 92 2.51 24.26 -2.89
N PRO A 93 1.34 23.61 -2.79
CA PRO A 93 0.61 23.07 -4.00
C PRO A 93 0.18 24.13 -5.02
N LYS A 94 0.15 25.41 -4.62
CA LYS A 94 -0.18 26.48 -5.61
C LYS A 94 1.04 26.68 -6.56
N GLU A 95 2.25 26.48 -6.04
CA GLU A 95 3.52 26.68 -6.73
C GLU A 95 4.08 25.37 -7.34
N ALA A 96 3.53 24.22 -6.93
CA ALA A 96 4.06 22.94 -7.34
C ALA A 96 3.70 22.89 -8.84
N ALA A 97 4.60 22.40 -9.70
CA ALA A 97 4.31 22.31 -11.13
C ALA A 97 3.10 21.40 -11.40
N PRO A 98 2.30 21.78 -12.42
CA PRO A 98 1.28 20.85 -12.90
C PRO A 98 1.92 19.53 -13.31
N GLY A 99 1.21 18.44 -13.12
CA GLY A 99 1.79 17.08 -13.34
C GLY A 99 2.44 16.52 -12.04
N THR A 100 2.72 17.34 -11.03
CA THR A 100 3.24 16.80 -9.76
C THR A 100 2.08 16.33 -8.91
N ILE A 101 2.36 15.42 -8.02
CA ILE A 101 1.32 14.99 -7.06
C ILE A 101 0.72 16.18 -6.26
N ARG A 102 1.59 17.06 -5.75
CA ARG A 102 1.06 18.24 -5.02
C ARG A 102 0.39 19.26 -5.93
N GLY A 103 0.90 19.46 -7.15
CA GLY A 103 0.22 20.42 -8.07
C GLY A 103 -1.14 19.87 -8.45
N ASP A 104 -1.26 18.54 -8.64
CA ASP A 104 -2.53 18.00 -9.14
C ASP A 104 -3.56 17.76 -8.04
N PHE A 105 -3.14 17.55 -6.81
CA PHE A 105 -4.04 17.08 -5.74
C PHE A 105 -4.04 17.90 -4.44
N GLY A 106 -2.95 18.59 -4.16
CA GLY A 106 -2.68 19.19 -2.85
C GLY A 106 -3.59 20.41 -2.74
N MET A 107 -4.10 20.66 -1.52
CA MET A 107 -5.08 21.79 -1.36
C MET A 107 -4.44 22.98 -0.74
N SER A 108 -3.29 22.78 -0.09
CA SER A 108 -2.63 23.85 0.70
C SER A 108 -1.33 23.29 1.22
N VAL A 109 -0.45 24.12 1.80
CA VAL A 109 0.78 23.58 2.38
C VAL A 109 0.53 22.56 3.51
N GLY A 110 -0.45 22.81 4.36
CA GLY A 110 -0.77 21.97 5.51
C GLY A 110 -1.47 20.70 4.97
N LYS A 111 -2.28 20.85 3.89
CA LYS A 111 -2.97 19.71 3.28
C LYS A 111 -2.39 19.42 1.91
N ASN A 112 -1.13 18.95 1.92
CA ASN A 112 -0.37 18.77 0.68
C ASN A 112 -0.12 17.28 0.39
N VAL A 113 -0.98 16.44 0.98
CA VAL A 113 -1.18 15.05 0.55
C VAL A 113 -0.05 14.07 0.83
N ILE A 114 1.19 14.50 0.69
CA ILE A 114 2.30 13.57 0.64
C ILE A 114 3.57 14.25 1.12
N HIS A 115 4.47 13.45 1.69
CA HIS A 115 5.83 13.87 2.04
C HIS A 115 6.80 12.91 1.35
N GLY A 116 7.94 13.39 0.81
CA GLY A 116 9.12 12.54 0.43
C GLY A 116 10.43 13.09 1.01
N SER A 117 11.38 12.22 1.36
CA SER A 117 12.64 12.74 1.95
C SER A 117 13.26 13.85 1.08
N ASP A 118 13.82 14.88 1.73
CA ASP A 118 14.60 16.04 1.22
C ASP A 118 15.95 15.68 0.55
N SER A 119 16.59 14.64 1.10
CA SER A 119 18.05 14.50 0.93
C SER A 119 18.39 13.06 1.20
N LEU A 120 19.56 12.61 0.76
CA LEU A 120 20.05 11.27 1.10
C LEU A 120 20.01 11.12 2.63
N GLU A 121 20.46 12.17 3.32
CA GLU A 121 20.62 12.13 4.76
C GLU A 121 19.28 11.96 5.46
N SER A 122 18.30 12.82 5.13
CA SER A 122 17.01 12.65 5.76
C SER A 122 16.19 11.38 5.33
N ALA A 123 16.47 10.83 4.16
CA ALA A 123 15.88 9.52 3.78
C ALA A 123 16.34 8.42 4.74
N GLU A 124 17.65 8.33 4.93
CA GLU A 124 18.24 7.35 5.84
C GLU A 124 17.68 7.55 7.26
N ARG A 125 17.54 8.79 7.70
CA ARG A 125 16.99 9.02 9.02
C ARG A 125 15.49 8.61 9.11
N GLU A 126 14.70 9.00 8.12
CA GLU A 126 13.24 8.71 8.08
C GLU A 126 12.94 7.23 7.87
N ILE A 127 13.66 6.57 6.96
CA ILE A 127 13.56 5.11 6.85
C ILE A 127 13.83 4.36 8.18
N SER A 128 14.94 4.69 8.88
CA SER A 128 15.30 4.02 10.17
C SER A 128 14.23 4.30 11.22
N LEU A 129 13.72 5.52 11.19
CA LEU A 129 12.69 5.90 12.12
C LEU A 129 11.36 5.12 11.95
N PHE A 130 10.96 4.85 10.70
CA PHE A 130 9.66 4.25 10.45
C PHE A 130 9.68 2.73 10.27
N PHE A 131 10.84 2.15 9.96
CA PHE A 131 10.92 0.74 9.57
C PHE A 131 12.11 0.09 10.27
N LYS A 132 11.88 -1.12 10.76
CA LYS A 132 12.97 -2.05 11.14
C LYS A 132 13.51 -2.74 9.90
N ASP A 133 14.70 -3.31 10.00
CA ASP A 133 15.29 -4.00 8.87
C ASP A 133 14.42 -5.11 8.32
N GLU A 134 13.74 -5.83 9.20
CA GLU A 134 13.02 -6.98 8.72
C GLU A 134 11.81 -6.57 7.89
N GLU A 135 11.35 -5.31 7.99
CA GLU A 135 10.19 -4.89 7.19
C GLU A 135 10.57 -4.55 5.75
N LEU A 136 11.85 -4.62 5.39
CA LEU A 136 12.28 -4.28 4.01
C LEU A 136 12.19 -5.52 3.16
N VAL A 137 11.72 -5.42 1.92
CA VAL A 137 11.61 -6.69 1.25
C VAL A 137 12.33 -6.63 -0.09
N GLU A 138 13.06 -7.71 -0.31
CA GLU A 138 14.11 -7.81 -1.28
C GLU A 138 13.60 -7.77 -2.75
N TRP A 139 12.58 -8.55 -3.09
CA TRP A 139 12.09 -8.60 -4.52
C TRP A 139 12.80 -9.70 -5.33
N MET B 1 -17.49 -3.64 11.97
CA MET B 1 -18.31 -4.11 10.81
C MET B 1 -17.53 -4.99 9.80
N GLU B 2 -18.16 -5.34 8.69
CA GLU B 2 -17.63 -6.37 7.83
C GLU B 2 -16.23 -6.04 7.19
N ARG B 3 -15.35 -7.03 7.24
CA ARG B 3 -14.00 -6.93 6.76
C ARG B 3 -13.70 -8.09 5.82
N THR B 4 -12.89 -7.81 4.81
CA THR B 4 -12.35 -8.86 3.99
C THR B 4 -10.83 -8.75 3.82
N PHE B 5 -10.22 -9.85 3.34
CA PHE B 5 -8.77 -9.90 3.10
C PHE B 5 -8.49 -9.89 1.63
N VAL B 6 -7.49 -9.10 1.23
CA VAL B 6 -7.10 -8.99 -0.17
C VAL B 6 -5.58 -9.15 -0.25
N MET B 7 -5.15 -9.83 -1.31
CA MET B 7 -3.73 -9.95 -1.52
C MET B 7 -3.46 -9.62 -2.96
N ILE B 8 -2.58 -8.64 -3.17
CA ILE B 8 -2.10 -8.42 -4.50
C ILE B 8 -0.91 -9.32 -4.69
N LYS B 9 -1.00 -10.19 -5.67
CA LYS B 9 -0.05 -11.28 -5.75
C LYS B 9 1.22 -10.81 -6.40
N PRO B 10 2.27 -11.69 -6.43
CA PRO B 10 3.55 -11.18 -7.00
C PRO B 10 3.52 -10.74 -8.46
N ASP B 11 2.61 -11.29 -9.27
CA ASP B 11 2.52 -10.81 -10.65
C ASP B 11 1.97 -9.37 -10.61
N GLY B 12 0.97 -9.10 -9.77
CA GLY B 12 0.34 -7.75 -9.69
C GLY B 12 1.37 -6.74 -9.20
N VAL B 13 2.17 -7.13 -8.21
CA VAL B 13 3.25 -6.28 -7.73
C VAL B 13 4.32 -6.07 -8.79
N GLN B 14 4.84 -7.17 -9.35
CA GLN B 14 5.93 -7.06 -10.31
C GLN B 14 5.55 -6.28 -11.64
N ARG B 15 4.29 -6.40 -12.04
CA ARG B 15 3.78 -5.66 -13.19
C ARG B 15 3.37 -4.18 -12.90
N GLY B 16 3.51 -3.68 -11.68
CA GLY B 16 3.16 -2.29 -11.48
C GLY B 16 1.65 -1.97 -11.43
N LEU B 17 0.85 -2.90 -10.86
CA LEU B 17 -0.62 -2.74 -10.75
C LEU B 17 -1.09 -2.47 -9.32
N ILE B 18 -0.17 -2.26 -8.36
CA ILE B 18 -0.65 -2.04 -6.97
C ILE B 18 -1.59 -0.84 -6.89
N GLY B 19 -1.17 0.30 -7.45
CA GLY B 19 -1.98 1.54 -7.34
C GLY B 19 -3.34 1.40 -7.99
N GLU B 20 -3.35 0.95 -9.21
CA GLU B 20 -4.58 0.71 -9.96
C GLU B 20 -5.60 -0.14 -9.19
N ILE B 21 -5.11 -1.23 -8.59
CA ILE B 21 -5.93 -2.12 -7.79
C ILE B 21 -6.44 -1.37 -6.59
N ILE B 22 -5.56 -0.69 -5.87
CA ILE B 22 -5.98 0.01 -4.67
C ILE B 22 -6.99 1.08 -5.08
N SER B 23 -6.74 1.79 -6.20
CA SER B 23 -7.66 2.83 -6.62
C SER B 23 -9.06 2.28 -6.86
N ARG B 24 -9.20 1.06 -7.38
CA ARG B 24 -10.56 0.55 -7.61
C ARG B 24 -11.29 0.40 -6.27
N PHE B 25 -10.59 -0.09 -5.22
CA PHE B 25 -11.19 -0.18 -3.90
C PHE B 25 -11.48 1.19 -3.26
N GLU B 26 -10.61 2.18 -3.46
CA GLU B 26 -10.87 3.50 -2.96
C GLU B 26 -12.06 4.17 -3.73
N ARG B 27 -12.09 4.08 -5.06
CA ARG B 27 -13.16 4.71 -5.82
C ARG B 27 -14.49 4.01 -5.42
N LYS B 28 -14.39 2.75 -5.01
CA LYS B 28 -15.57 2.06 -4.62
C LYS B 28 -16.04 2.53 -3.22
N GLY B 29 -15.18 3.23 -2.44
CA GLY B 29 -15.58 3.80 -1.14
C GLY B 29 -15.23 2.91 0.06
N PHE B 30 -14.47 1.83 -0.17
CA PHE B 30 -14.05 0.98 0.95
C PHE B 30 -12.91 1.67 1.73
N LYS B 31 -12.78 1.25 2.99
CA LYS B 31 -11.80 1.74 3.91
C LYS B 31 -10.68 0.66 4.05
N ILE B 32 -9.44 1.00 3.74
CA ILE B 32 -8.32 0.17 4.02
C ILE B 32 -7.99 0.28 5.47
N VAL B 33 -8.19 -0.79 6.22
CA VAL B 33 -7.87 -0.70 7.65
C VAL B 33 -6.64 -1.45 8.03
N ALA B 34 -6.03 -2.19 7.10
CA ALA B 34 -4.69 -2.65 7.38
C ALA B 34 -4.04 -2.91 6.02
N MET B 35 -2.73 -2.67 5.94
CA MET B 35 -2.03 -2.88 4.68
C MET B 35 -0.53 -2.97 4.86
N LYS B 36 0.12 -3.90 4.16
CA LYS B 36 1.55 -4.00 4.23
C LYS B 36 2.10 -4.73 3.00
N LEU B 37 3.28 -4.30 2.52
CA LEU B 37 4.08 -5.08 1.59
C LEU B 37 4.81 -6.14 2.40
N MET B 38 4.85 -7.38 1.93
CA MET B 38 5.55 -8.43 2.66
C MET B 38 6.06 -9.49 1.67
N ARG B 39 6.98 -10.30 2.15
CA ARG B 39 7.32 -11.55 1.46
C ARG B 39 6.57 -12.65 2.26
N ILE B 40 5.80 -13.51 1.57
CA ILE B 40 5.12 -14.60 2.27
C ILE B 40 6.11 -15.82 2.50
N SER B 41 6.20 -16.32 3.74
CA SER B 41 7.07 -17.47 4.07
C SER B 41 6.41 -18.72 3.48
N GLN B 42 7.24 -19.73 3.30
CA GLN B 42 6.85 -21.07 2.89
C GLN B 42 5.66 -21.54 3.75
N GLU B 43 5.79 -21.46 5.07
CA GLU B 43 4.79 -21.94 6.02
C GLU B 43 3.50 -21.15 5.88
N LEU B 44 3.62 -19.83 5.73
CA LEU B 44 2.41 -19.01 5.59
C LEU B 44 1.71 -19.34 4.28
N ALA B 45 2.51 -19.53 3.24
CA ALA B 45 1.95 -19.92 1.93
C ALA B 45 1.24 -21.26 1.99
N GLU B 46 1.84 -22.24 2.70
CA GLU B 46 1.17 -23.54 2.87
C GLU B 46 -0.10 -23.51 3.75
N LYS B 47 -0.05 -22.74 4.85
CA LYS B 47 -1.26 -22.63 5.65
C LYS B 47 -2.33 -21.93 4.79
N HIS B 48 -1.99 -20.84 4.10
CA HIS B 48 -3.00 -20.18 3.29
C HIS B 48 -3.62 -21.09 2.27
N TYR B 49 -2.80 -21.89 1.57
CA TYR B 49 -3.34 -22.73 0.49
C TYR B 49 -3.62 -24.21 0.93
N ALA B 50 -3.75 -24.40 2.24
CA ALA B 50 -3.88 -25.74 2.83
C ALA B 50 -4.82 -26.70 2.08
N GLU B 51 -5.90 -26.15 1.50
CA GLU B 51 -6.95 -26.99 0.88
C GLU B 51 -6.47 -27.60 -0.42
N HIS B 52 -5.51 -26.92 -1.05
CA HIS B 52 -4.98 -27.40 -2.30
C HIS B 52 -3.67 -28.25 -2.17
N ARG B 53 -3.32 -28.67 -0.96
CA ARG B 53 -2.00 -29.27 -0.71
C ARG B 53 -1.88 -30.66 -1.31
N GLU B 54 -3.00 -31.24 -1.75
CA GLU B 54 -2.94 -32.58 -2.39
C GLU B 54 -3.11 -32.51 -3.90
N LYS B 55 -3.14 -31.30 -4.41
CA LYS B 55 -3.36 -31.11 -5.84
C LYS B 55 -2.02 -31.01 -6.57
N PRO B 56 -2.01 -31.43 -7.84
CA PRO B 56 -0.69 -31.59 -8.49
C PRO B 56 -0.05 -30.23 -8.84
N PHE B 57 -0.82 -29.15 -8.78
CA PHE B 57 -0.29 -27.79 -9.03
C PHE B 57 0.14 -27.02 -7.76
N PHE B 58 0.16 -27.73 -6.62
CA PHE B 58 0.37 -27.07 -5.32
C PHE B 58 1.76 -26.41 -5.26
N SER B 59 2.78 -27.06 -5.79
CA SER B 59 4.10 -26.49 -5.84
C SER B 59 4.10 -25.23 -6.73
N GLY B 60 3.44 -25.30 -7.90
CA GLY B 60 3.25 -24.11 -8.75
C GLY B 60 2.57 -22.96 -7.99
N LEU B 61 1.50 -23.22 -7.22
CA LEU B 61 0.88 -22.17 -6.34
C LEU B 61 1.87 -21.54 -5.33
N VAL B 62 2.51 -22.41 -4.54
CA VAL B 62 3.37 -21.99 -3.47
C VAL B 62 4.62 -21.25 -3.97
N ASP B 63 5.30 -21.82 -4.94
CA ASP B 63 6.49 -21.19 -5.54
C ASP B 63 6.17 -19.80 -6.13
N PHE B 64 5.04 -19.73 -6.83
CA PHE B 64 4.57 -18.45 -7.29
C PHE B 64 4.25 -17.46 -6.15
N ILE B 65 3.44 -17.89 -5.18
CA ILE B 65 3.01 -16.90 -4.18
C ILE B 65 4.15 -16.34 -3.25
N THR B 66 5.20 -17.13 -3.06
CA THR B 66 6.36 -16.75 -2.28
C THR B 66 7.49 -16.28 -3.20
N SER B 67 7.24 -16.01 -4.51
CA SER B 67 8.32 -15.69 -5.46
C SER B 67 8.72 -14.23 -5.53
N GLY B 68 7.94 -13.35 -4.90
CA GLY B 68 8.26 -11.90 -4.88
C GLY B 68 7.34 -11.31 -3.85
N PRO B 69 7.43 -10.00 -3.65
CA PRO B 69 6.58 -9.33 -2.64
C PRO B 69 5.11 -9.34 -3.04
N VAL B 70 4.25 -9.38 -2.02
CA VAL B 70 2.84 -9.22 -2.22
C VAL B 70 2.37 -7.99 -1.36
N VAL B 71 1.16 -7.51 -1.62
CA VAL B 71 0.55 -6.59 -0.74
C VAL B 71 -0.61 -7.27 -0.09
N ALA B 72 -0.57 -7.28 1.23
CA ALA B 72 -1.62 -7.86 2.02
C ALA B 72 -2.44 -6.70 2.57
N MET B 73 -3.77 -6.91 2.60
CA MET B 73 -4.64 -5.83 3.03
C MET B 73 -5.96 -6.26 3.57
N VAL B 74 -6.48 -5.42 4.44
CA VAL B 74 -7.76 -5.63 5.01
C VAL B 74 -8.62 -4.47 4.62
N LEU B 75 -9.77 -4.82 4.06
CA LEU B 75 -10.72 -3.80 3.63
C LEU B 75 -12.02 -3.87 4.43
N GLU B 76 -12.62 -2.72 4.71
CA GLU B 76 -13.82 -2.69 5.51
C GLU B 76 -14.94 -1.91 4.86
N GLY B 77 -16.15 -2.45 5.00
CA GLY B 77 -17.37 -1.77 4.52
C GLY B 77 -18.53 -2.74 4.36
N LYS B 78 -19.70 -2.19 4.05
CA LYS B 78 -20.94 -2.98 3.89
C LYS B 78 -20.78 -3.95 2.71
N ASN B 79 -21.02 -5.24 2.99
CA ASN B 79 -20.97 -6.33 2.00
C ASN B 79 -19.59 -6.51 1.36
N VAL B 80 -18.53 -6.13 2.10
CA VAL B 80 -17.26 -6.02 1.54
C VAL B 80 -16.79 -7.35 0.98
N VAL B 81 -16.99 -8.42 1.67
CA VAL B 81 -16.53 -9.71 1.16
C VAL B 81 -17.16 -10.00 -0.22
N GLU B 82 -18.50 -9.93 -0.28
CA GLU B 82 -19.20 -10.26 -1.51
C GLU B 82 -18.81 -9.25 -2.63
N VAL B 83 -18.87 -7.95 -2.32
CA VAL B 83 -18.61 -6.93 -3.29
C VAL B 83 -17.17 -7.04 -3.81
N VAL B 84 -16.20 -7.26 -2.89
CA VAL B 84 -14.84 -7.41 -3.34
C VAL B 84 -14.66 -8.62 -4.25
N ARG B 85 -15.41 -9.70 -4.00
CA ARG B 85 -15.26 -10.90 -4.83
C ARG B 85 -15.75 -10.65 -6.23
N LYS B 86 -16.88 -9.93 -6.32
CA LYS B 86 -17.45 -9.54 -7.59
C LYS B 86 -16.50 -8.61 -8.30
N MET B 87 -15.91 -7.64 -7.58
CA MET B 87 -14.95 -6.75 -8.27
C MET B 87 -13.76 -7.50 -8.82
N ILE B 88 -13.38 -8.60 -8.16
CA ILE B 88 -12.15 -9.31 -8.52
C ILE B 88 -12.48 -10.20 -9.67
N GLY B 89 -13.65 -10.82 -9.58
CA GLY B 89 -14.12 -11.75 -10.63
C GLY B 89 -13.61 -13.18 -10.55
N ALA B 90 -14.02 -13.96 -11.54
CA ALA B 90 -13.78 -15.42 -11.55
C ALA B 90 -12.26 -15.76 -11.48
N THR B 91 -11.93 -16.82 -10.72
CA THR B 91 -10.59 -17.35 -10.61
C THR B 91 -9.82 -17.36 -11.96
N ASN B 92 -10.43 -17.94 -13.00
CA ASN B 92 -9.75 -18.04 -14.26
C ASN B 92 -10.01 -16.71 -15.00
N PRO B 93 -8.97 -15.89 -15.23
CA PRO B 93 -9.22 -14.55 -15.88
C PRO B 93 -9.96 -14.65 -17.26
N LYS B 94 -9.80 -15.77 -17.94
CA LYS B 94 -10.56 -16.03 -19.20
C LYS B 94 -12.09 -16.01 -18.94
N GLU B 95 -12.52 -16.50 -17.77
CA GLU B 95 -13.95 -16.48 -17.40
C GLU B 95 -14.37 -15.22 -16.66
N ALA B 96 -13.42 -14.45 -16.12
CA ALA B 96 -13.76 -13.23 -15.29
C ALA B 96 -14.37 -12.19 -16.20
N ALA B 97 -15.34 -11.44 -15.71
CA ALA B 97 -16.02 -10.52 -16.58
C ALA B 97 -15.10 -9.28 -16.84
N PRO B 98 -15.26 -8.65 -17.99
CA PRO B 98 -14.57 -7.39 -18.30
C PRO B 98 -14.96 -6.31 -17.29
N GLY B 99 -14.02 -5.49 -16.86
CA GLY B 99 -14.33 -4.58 -15.77
C GLY B 99 -13.94 -5.19 -14.44
N THR B 100 -13.80 -6.53 -14.33
CA THR B 100 -13.18 -7.04 -13.10
C THR B 100 -11.65 -6.86 -13.14
N ILE B 101 -11.04 -6.93 -11.98
CA ILE B 101 -9.60 -6.95 -11.85
C ILE B 101 -8.96 -8.13 -12.60
N ARG B 102 -9.54 -9.30 -12.40
CA ARG B 102 -8.99 -10.50 -13.08
C ARG B 102 -9.31 -10.40 -14.55
N GLY B 103 -10.49 -9.89 -14.90
CA GLY B 103 -10.85 -9.81 -16.35
C GLY B 103 -9.98 -8.81 -17.07
N ASP B 104 -9.68 -7.67 -16.45
CA ASP B 104 -8.82 -6.63 -17.09
C ASP B 104 -7.31 -6.96 -17.00
N PHE B 105 -6.86 -7.69 -15.97
CA PHE B 105 -5.37 -7.78 -15.83
C PHE B 105 -4.83 -9.18 -15.71
N GLY B 106 -5.64 -10.15 -15.30
CA GLY B 106 -5.13 -11.45 -15.01
C GLY B 106 -4.58 -12.07 -16.27
N MET B 107 -3.45 -12.76 -16.20
CA MET B 107 -3.04 -13.44 -17.46
C MET B 107 -3.21 -14.96 -17.58
N SER B 108 -3.53 -15.66 -16.47
CA SER B 108 -3.73 -17.15 -16.46
C SER B 108 -4.40 -17.44 -15.14
N VAL B 109 -4.87 -18.69 -14.96
CA VAL B 109 -5.58 -19.10 -13.76
C VAL B 109 -4.68 -19.01 -12.51
N GLY B 110 -3.38 -19.26 -12.71
CA GLY B 110 -2.37 -19.13 -11.69
C GLY B 110 -1.83 -17.71 -11.57
N LYS B 111 -1.52 -17.07 -12.71
CA LYS B 111 -1.19 -15.66 -12.59
C LYS B 111 -2.41 -14.75 -12.76
N ASN B 112 -3.23 -14.68 -11.72
CA ASN B 112 -4.45 -13.92 -11.78
C ASN B 112 -4.40 -12.69 -10.86
N VAL B 113 -3.18 -12.13 -10.63
CA VAL B 113 -3.04 -10.80 -10.09
C VAL B 113 -3.51 -10.56 -8.65
N ILE B 114 -4.52 -11.26 -8.17
CA ILE B 114 -5.10 -10.86 -6.90
C ILE B 114 -5.98 -11.94 -6.30
N HIS B 115 -6.10 -11.91 -4.97
CA HIS B 115 -6.99 -12.77 -4.22
C HIS B 115 -7.81 -11.92 -3.25
N GLY B 116 -9.07 -12.34 -3.02
CA GLY B 116 -9.97 -11.75 -2.06
C GLY B 116 -10.73 -12.84 -1.30
N SER B 117 -10.99 -12.71 -0.01
CA SER B 117 -11.68 -13.84 0.67
C SER B 117 -12.95 -14.27 -0.04
N ASP B 118 -13.24 -15.56 -0.07
CA ASP B 118 -14.47 -15.98 -0.75
C ASP B 118 -15.75 -16.13 0.15
N SER B 119 -15.60 -16.03 1.46
CA SER B 119 -16.76 -16.02 2.33
C SER B 119 -16.42 -15.26 3.61
N LEU B 120 -17.43 -15.00 4.45
CA LEU B 120 -17.26 -14.49 5.83
C LEU B 120 -16.22 -15.26 6.67
N GLU B 121 -16.28 -16.60 6.59
CA GLU B 121 -15.42 -17.49 7.37
C GLU B 121 -14.00 -17.40 6.87
N SER B 122 -13.86 -17.59 5.56
CA SER B 122 -12.58 -17.46 4.88
C SER B 122 -11.90 -16.09 5.20
N ALA B 123 -12.68 -14.99 5.23
CA ALA B 123 -12.18 -13.64 5.57
C ALA B 123 -11.66 -13.59 6.99
N GLU B 124 -12.44 -14.10 7.94
CA GLU B 124 -11.91 -14.23 9.35
C GLU B 124 -10.61 -15.08 9.48
N ARG B 125 -10.57 -16.30 8.92
CA ARG B 125 -9.37 -17.12 8.90
C ARG B 125 -8.21 -16.28 8.29
N GLU B 126 -8.43 -15.66 7.14
CA GLU B 126 -7.30 -15.07 6.37
C GLU B 126 -6.75 -13.79 7.04
N ILE B 127 -7.64 -12.94 7.49
CA ILE B 127 -7.24 -11.77 8.25
C ILE B 127 -6.40 -12.22 9.47
N SER B 128 -6.84 -13.27 10.18
CA SER B 128 -6.15 -13.80 11.41
C SER B 128 -4.79 -14.32 11.04
N LEU B 129 -4.72 -15.02 9.92
CA LEU B 129 -3.45 -15.57 9.47
C LEU B 129 -2.38 -14.49 9.10
N PHE B 130 -2.81 -13.46 8.37
CA PHE B 130 -1.91 -12.43 7.86
C PHE B 130 -1.65 -11.25 8.76
N PHE B 131 -2.54 -10.95 9.71
CA PHE B 131 -2.33 -9.72 10.53
C PHE B 131 -2.43 -9.99 12.03
N LYS B 132 -1.57 -9.38 12.84
CA LYS B 132 -1.83 -9.30 14.30
C LYS B 132 -2.82 -8.14 14.57
N ASP B 133 -3.52 -8.15 15.71
CA ASP B 133 -4.55 -7.08 15.95
C ASP B 133 -3.95 -5.67 15.89
N GLU B 134 -2.69 -5.55 16.29
CA GLU B 134 -2.05 -4.23 16.40
C GLU B 134 -1.76 -3.58 15.04
N GLU B 135 -1.98 -4.31 13.94
CA GLU B 135 -1.72 -3.79 12.61
C GLU B 135 -3.01 -3.28 12.01
N LEU B 136 -4.11 -3.43 12.75
CA LEU B 136 -5.39 -2.85 12.38
C LEU B 136 -5.50 -1.40 12.78
N VAL B 137 -6.08 -0.59 11.92
CA VAL B 137 -6.00 0.86 12.12
C VAL B 137 -7.42 1.47 12.09
N GLU B 138 -7.90 2.00 13.21
CA GLU B 138 -9.23 2.68 13.16
C GLU B 138 -9.12 4.05 12.41
N TRP B 139 -10.07 4.39 11.55
CA TRP B 139 -9.96 5.71 10.92
C TRP B 139 -10.40 6.87 11.84
#